data_6NM7
#
_entry.id   6NM7
#
_cell.length_a   82.911
_cell.length_b   94.921
_cell.length_c   32.155
_cell.angle_alpha   90.000
_cell.angle_beta   90.000
_cell.angle_gamma   90.000
#
_symmetry.space_group_name_H-M   'P 21 21 2'
#
loop_
_entity.id
_entity.type
_entity.pdbx_description
1 polymer 'Programmed cell death 1 ligand 1'
2 non-polymer 5-phenylthieno[2,3-d]pyrimidin-4(3H)-one
3 water water
#
_entity_poly.entity_id   1
_entity_poly.type   'polypeptide(L)'
_entity_poly.pdbx_seq_one_letter_code
;MAFTVTVPKDLYVVEYGSNMTIECKFPVEKQLDLAALIVYWEMEDKNIIQFVHGEEDLKTQHSSYRQRARLLKDQLSLGN
AALQITDVKLQDAGVYRCMISYGGADYKRITVKVNAPYAAALEHHHHHH
;
_entity_poly.pdbx_strand_id   A,B
#
# COMPACT_ATOMS: atom_id res chain seq x y z
N ALA A 2 6.99 0.98 -16.65
CA ALA A 2 7.14 -0.22 -15.83
C ALA A 2 5.77 -0.78 -15.56
N PHE A 3 5.72 -1.98 -14.97
CA PHE A 3 4.47 -2.63 -14.60
C PHE A 3 3.57 -1.65 -13.88
N THR A 4 2.34 -1.48 -14.39
CA THR A 4 1.48 -0.43 -13.90
C THR A 4 0.06 -0.95 -13.74
N VAL A 5 -0.45 -0.84 -12.50
CA VAL A 5 -1.84 -1.11 -12.18
C VAL A 5 -2.65 0.14 -12.48
N THR A 6 -3.85 -0.03 -13.06
CA THR A 6 -4.75 1.09 -13.32
C THR A 6 -6.16 0.79 -12.82
N VAL A 7 -6.93 1.85 -12.62
CA VAL A 7 -8.36 1.74 -12.28
C VAL A 7 -9.18 2.58 -13.27
N PRO A 8 -10.25 2.02 -13.83
CA PRO A 8 -11.13 2.85 -14.68
C PRO A 8 -11.88 3.89 -13.87
N LYS A 9 -11.93 3.70 -12.56
CA LYS A 9 -12.68 4.56 -11.65
C LYS A 9 -11.85 4.66 -10.38
N ASP A 10 -11.48 5.86 -9.96
CA ASP A 10 -10.83 6.01 -8.67
C ASP A 10 -11.81 6.38 -7.55
N LEU A 11 -13.09 6.60 -7.87
CA LEU A 11 -14.10 6.88 -6.87
C LEU A 11 -15.37 6.13 -7.25
N TYR A 12 -15.93 5.40 -6.29
CA TYR A 12 -17.23 4.75 -6.41
C TYR A 12 -18.19 5.35 -5.39
N VAL A 13 -19.42 5.60 -5.81
CA VAL A 13 -20.50 6.04 -4.93
C VAL A 13 -21.59 5.00 -5.01
N VAL A 14 -21.77 4.25 -3.92
CA VAL A 14 -22.67 3.10 -3.89
C VAL A 14 -23.75 3.34 -2.83
N GLU A 15 -24.84 2.60 -2.99
CA GLU A 15 -26.02 2.69 -2.14
C GLU A 15 -25.98 1.62 -1.07
N TYR A 16 -26.28 2.03 0.16
CA TYR A 16 -26.36 1.09 1.26
C TYR A 16 -27.20 -0.13 0.87
N GLY A 17 -26.67 -1.32 1.19
CA GLY A 17 -27.37 -2.56 0.94
C GLY A 17 -27.27 -3.12 -0.45
N SER A 18 -26.69 -2.40 -1.39
CA SER A 18 -26.46 -2.94 -2.72
C SER A 18 -25.09 -3.62 -2.78
N ASN A 19 -24.76 -4.11 -3.95
CA ASN A 19 -23.49 -4.74 -4.22
C ASN A 19 -22.63 -3.81 -5.05
N MET A 20 -21.32 -3.84 -4.81
CA MET A 20 -20.39 -3.09 -5.64
C MET A 20 -19.25 -3.99 -6.09
N THR A 21 -18.75 -3.71 -7.28
CA THR A 21 -17.58 -4.40 -7.83
C THR A 21 -16.54 -3.36 -8.19
N ILE A 22 -15.35 -3.49 -7.61
CA ILE A 22 -14.30 -2.49 -7.73
C ILE A 22 -13.19 -3.06 -8.59
N GLU A 23 -12.84 -2.33 -9.64
CA GLU A 23 -12.05 -2.90 -10.72
C GLU A 23 -10.59 -2.47 -10.63
N CYS A 24 -9.72 -3.32 -11.15
CA CYS A 24 -8.28 -3.12 -10.98
C CYS A 24 -7.57 -3.88 -12.09
N LYS A 25 -7.02 -3.13 -13.04
CA LYS A 25 -6.44 -3.70 -14.25
C LYS A 25 -4.92 -3.73 -14.14
N PHE A 26 -4.32 -4.81 -14.63
CA PHE A 26 -2.88 -4.95 -14.74
C PHE A 26 -2.59 -5.63 -16.07
N PRO A 27 -1.42 -5.38 -16.66
CA PRO A 27 -1.13 -5.95 -17.99
C PRO A 27 -0.88 -7.45 -17.90
N VAL A 28 -1.48 -8.19 -18.83
CA VAL A 28 -1.21 -9.60 -19.03
C VAL A 28 -0.87 -9.81 -20.50
N GLU A 29 0.31 -10.37 -20.76
CA GLU A 29 0.80 -10.64 -22.11
C GLU A 29 -0.17 -11.50 -22.92
N LYS A 30 -0.12 -12.81 -22.70
CA LYS A 30 -0.92 -13.76 -23.47
C LYS A 30 -2.01 -14.35 -22.60
N GLN A 31 -1.66 -15.23 -21.67
CA GLN A 31 -2.59 -15.74 -20.67
C GLN A 31 -1.95 -15.60 -19.29
N LEU A 32 -2.81 -15.52 -18.28
CA LEU A 32 -2.36 -15.37 -16.91
C LEU A 32 -1.56 -16.60 -16.43
N ASP A 33 -0.44 -16.34 -15.74
CA ASP A 33 0.26 -17.39 -14.99
C ASP A 33 -0.12 -17.22 -13.53
N LEU A 34 -1.16 -17.95 -13.11
CA LEU A 34 -1.66 -17.79 -11.74
C LEU A 34 -0.56 -18.01 -10.70
N ALA A 35 0.37 -18.92 -10.98
CA ALA A 35 1.41 -19.19 -10.00
C ALA A 35 2.39 -18.02 -9.85
N ALA A 36 2.38 -17.06 -10.77
CA ALA A 36 3.20 -15.86 -10.66
C ALA A 36 2.45 -14.66 -10.08
N LEU A 37 1.15 -14.81 -9.81
CA LEU A 37 0.29 -13.68 -9.50
C LEU A 37 0.12 -13.55 -7.99
N ILE A 38 0.20 -12.30 -7.50
CA ILE A 38 -0.27 -11.93 -6.16
C ILE A 38 -1.29 -10.79 -6.29
N VAL A 39 -2.46 -10.95 -5.67
CA VAL A 39 -3.50 -9.92 -5.62
C VAL A 39 -3.82 -9.62 -4.15
N TYR A 40 -3.62 -8.38 -3.74
CA TYR A 40 -3.90 -7.96 -2.37
C TYR A 40 -4.92 -6.83 -2.41
N TRP A 41 -6.11 -7.10 -1.90
CA TRP A 41 -7.12 -6.07 -1.71
C TRP A 41 -7.14 -5.69 -0.24
N GLU A 42 -7.11 -4.40 0.02
CA GLU A 42 -7.21 -3.92 1.39
C GLU A 42 -8.08 -2.69 1.44
N MET A 43 -8.59 -2.44 2.64
CA MET A 43 -9.40 -1.26 2.91
C MET A 43 -8.93 -0.72 4.25
N GLU A 44 -8.35 0.48 4.22
CA GLU A 44 -7.79 1.17 5.38
C GLU A 44 -7.25 0.22 6.44
N ASP A 45 -6.27 -0.62 6.08
CA ASP A 45 -5.44 -1.46 6.95
C ASP A 45 -6.10 -2.79 7.32
N LYS A 46 -7.32 -3.07 6.86
CA LYS A 46 -7.90 -4.40 6.96
C LYS A 46 -7.70 -5.18 5.67
N ASN A 47 -7.05 -6.34 5.77
CA ASN A 47 -6.95 -7.28 4.66
C ASN A 47 -8.34 -7.79 4.26
N ILE A 48 -8.75 -7.53 3.02
CA ILE A 48 -10.04 -8.03 2.52
C ILE A 48 -9.81 -9.35 1.80
N ILE A 49 -8.91 -9.38 0.82
CA ILE A 49 -8.58 -10.58 0.06
C ILE A 49 -7.07 -10.59 -0.14
N GLN A 50 -6.49 -11.79 -0.15
CA GLN A 50 -5.05 -11.96 -0.39
C GLN A 50 -4.86 -13.24 -1.22
N PHE A 51 -4.68 -13.07 -2.53
CA PHE A 51 -4.54 -14.16 -3.50
C PHE A 51 -3.06 -14.31 -3.86
N VAL A 52 -2.44 -15.37 -3.40
CA VAL A 52 -1.00 -15.56 -3.55
C VAL A 52 -0.78 -16.82 -4.37
N HIS A 53 -0.25 -16.65 -5.58
CA HIS A 53 0.25 -17.76 -6.38
C HIS A 53 -0.83 -18.81 -6.63
N GLY A 54 -2.07 -18.37 -6.85
CA GLY A 54 -3.13 -19.27 -7.25
C GLY A 54 -4.17 -19.63 -6.19
N GLU A 55 -3.95 -19.28 -4.93
CA GLU A 55 -5.04 -19.50 -3.99
C GLU A 55 -4.98 -18.49 -2.86
N GLU A 56 -6.17 -18.18 -2.31
CA GLU A 56 -6.36 -17.16 -1.30
C GLU A 56 -5.87 -17.64 0.06
N ASP A 57 -5.32 -16.72 0.84
CA ASP A 57 -4.89 -17.00 2.20
C ASP A 57 -5.99 -16.50 3.12
N LEU A 58 -6.76 -17.44 3.66
CA LEU A 58 -7.91 -17.06 4.48
C LEU A 58 -7.54 -16.77 5.92
N LYS A 59 -6.30 -17.04 6.32
CA LYS A 59 -5.92 -16.80 7.70
C LYS A 59 -5.85 -15.30 8.03
N THR A 60 -5.59 -14.46 7.04
CA THR A 60 -5.43 -13.04 7.31
C THR A 60 -6.69 -12.23 7.00
N GLN A 61 -7.68 -12.83 6.34
CA GLN A 61 -8.86 -12.09 5.94
C GLN A 61 -9.61 -11.56 7.17
N HIS A 62 -9.96 -10.28 7.12
CA HIS A 62 -10.72 -9.67 8.20
C HIS A 62 -12.14 -10.24 8.25
N SER A 63 -12.64 -10.45 9.46
CA SER A 63 -13.92 -11.12 9.67
C SER A 63 -15.08 -10.39 9.01
N SER A 64 -15.01 -9.05 8.95
CA SER A 64 -16.08 -8.29 8.33
C SER A 64 -16.27 -8.61 6.85
N TYR A 65 -15.25 -9.18 6.19
CA TYR A 65 -15.24 -9.33 4.74
C TYR A 65 -15.36 -10.77 4.29
N ARG A 66 -15.06 -11.73 5.15
CA ARG A 66 -15.50 -13.10 4.89
C ARG A 66 -17.01 -13.14 4.80
N GLN A 67 -17.50 -13.78 3.74
CA GLN A 67 -18.90 -13.95 3.35
C GLN A 67 -19.43 -12.76 2.53
N ARG A 68 -18.69 -11.67 2.39
CA ARG A 68 -19.16 -10.55 1.57
C ARG A 68 -18.21 -10.17 0.45
N ALA A 69 -16.93 -10.46 0.58
CA ALA A 69 -15.93 -10.10 -0.42
C ALA A 69 -15.63 -11.31 -1.27
N ARG A 70 -15.52 -11.08 -2.58
CA ARG A 70 -15.15 -12.13 -3.50
C ARG A 70 -14.22 -11.51 -4.53
N LEU A 71 -13.18 -12.25 -4.88
CA LEU A 71 -12.29 -11.89 -5.98
C LEU A 71 -12.75 -12.62 -7.25
N LEU A 72 -13.24 -11.87 -8.23
CA LEU A 72 -13.78 -12.49 -9.44
C LEU A 72 -12.66 -13.11 -10.26
N LYS A 73 -12.37 -14.39 -10.00
CA LYS A 73 -11.23 -15.04 -10.63
C LYS A 73 -11.39 -15.22 -12.13
N ASP A 74 -12.60 -15.11 -12.66
CA ASP A 74 -12.75 -15.10 -14.12
C ASP A 74 -12.10 -13.86 -14.71
N GLN A 75 -12.29 -12.71 -14.07
CA GLN A 75 -11.71 -11.48 -14.57
C GLN A 75 -10.20 -11.46 -14.39
N LEU A 76 -9.66 -12.31 -13.52
CA LEU A 76 -8.22 -12.35 -13.33
C LEU A 76 -7.49 -12.63 -14.65
N SER A 77 -8.04 -13.53 -15.48
CA SER A 77 -7.33 -13.91 -16.71
C SER A 77 -7.38 -12.82 -17.76
N LEU A 78 -8.40 -11.96 -17.72
CA LEU A 78 -8.44 -10.77 -18.55
C LEU A 78 -7.55 -9.65 -17.99
N GLY A 79 -6.87 -9.87 -16.87
CA GLY A 79 -6.11 -8.82 -16.23
C GLY A 79 -6.94 -7.84 -15.41
N ASN A 80 -8.08 -8.29 -14.89
CA ASN A 80 -8.99 -7.46 -14.10
C ASN A 80 -9.18 -8.10 -12.72
N ALA A 81 -8.49 -7.58 -11.70
CA ALA A 81 -8.65 -8.08 -10.33
C ALA A 81 -9.83 -7.37 -9.68
N ALA A 82 -11.02 -7.82 -10.06
CA ALA A 82 -12.27 -7.19 -9.64
C ALA A 82 -12.68 -7.71 -8.25
N LEU A 83 -12.82 -6.78 -7.30
CA LEU A 83 -13.31 -7.09 -5.96
C LEU A 83 -14.82 -6.83 -5.89
N GLN A 84 -15.58 -7.83 -5.49
CA GLN A 84 -17.01 -7.69 -5.28
C GLN A 84 -17.34 -7.76 -3.79
N ILE A 85 -17.95 -6.69 -3.27
CA ILE A 85 -18.47 -6.63 -1.91
C ILE A 85 -20.00 -6.68 -2.01
N THR A 86 -20.60 -7.65 -1.33
CA THR A 86 -22.06 -7.78 -1.31
C THR A 86 -22.62 -7.19 -0.03
N ASP A 87 -23.78 -6.53 -0.14
CA ASP A 87 -24.48 -5.97 1.01
C ASP A 87 -23.62 -4.87 1.65
N VAL A 88 -23.53 -3.77 0.91
CA VAL A 88 -22.60 -2.71 1.28
C VAL A 88 -23.14 -1.95 2.48
N LYS A 89 -22.29 -1.73 3.47
CA LYS A 89 -22.66 -1.02 4.70
C LYS A 89 -21.81 0.26 4.80
N LEU A 90 -22.28 1.18 5.64
CA LEU A 90 -21.59 2.45 5.82
C LEU A 90 -20.13 2.25 6.23
N GLN A 91 -19.82 1.23 7.04
CA GLN A 91 -18.43 1.00 7.41
C GLN A 91 -17.56 0.57 6.22
N ASP A 92 -18.15 0.24 5.06
CA ASP A 92 -17.39 -0.02 3.85
C ASP A 92 -16.95 1.25 3.13
N ALA A 93 -17.40 2.42 3.59
CA ALA A 93 -16.87 3.67 3.04
C ALA A 93 -15.42 3.83 3.48
N GLY A 94 -14.55 4.25 2.55
CA GLY A 94 -13.17 4.53 2.89
C GLY A 94 -12.24 4.35 1.69
N VAL A 95 -10.96 4.21 2.00
CA VAL A 95 -9.91 4.12 0.99
C VAL A 95 -9.54 2.66 0.79
N TYR A 96 -9.63 2.18 -0.43
CA TYR A 96 -9.25 0.81 -0.78
C TYR A 96 -7.94 0.79 -1.53
N ARG A 97 -7.16 -0.25 -1.30
CA ARG A 97 -5.92 -0.41 -2.04
C ARG A 97 -5.91 -1.76 -2.72
N CYS A 98 -5.60 -1.74 -4.01
CA CYS A 98 -5.37 -2.91 -4.83
C CYS A 98 -3.88 -3.01 -5.13
N MET A 99 -3.27 -4.14 -4.80
CA MET A 99 -1.84 -4.35 -4.98
C MET A 99 -1.63 -5.64 -5.76
N ILE A 100 -0.92 -5.55 -6.88
CA ILE A 100 -0.67 -6.72 -7.73
C ILE A 100 0.83 -6.90 -7.89
N SER A 101 1.29 -8.12 -7.70
CA SER A 101 2.64 -8.53 -8.03
C SER A 101 2.54 -9.54 -9.16
N TYR A 102 3.09 -9.18 -10.33
CA TYR A 102 3.02 -10.00 -11.54
C TYR A 102 4.18 -9.63 -12.47
N GLY A 103 5.38 -10.15 -12.17
CA GLY A 103 6.59 -9.75 -12.87
C GLY A 103 6.80 -8.25 -12.86
N GLY A 104 6.91 -7.70 -11.67
CA GLY A 104 6.73 -6.28 -11.48
C GLY A 104 5.67 -6.09 -10.41
N ALA A 105 5.57 -4.89 -9.85
CA ALA A 105 4.61 -4.67 -8.78
C ALA A 105 4.15 -3.22 -8.82
N ASP A 106 2.86 -3.03 -8.55
CA ASP A 106 2.28 -1.71 -8.46
C ASP A 106 1.03 -1.81 -7.60
N TYR A 107 0.49 -0.65 -7.21
CA TYR A 107 -0.77 -0.60 -6.49
C TYR A 107 -1.53 0.65 -6.94
N LYS A 108 -2.84 0.69 -6.64
CA LYS A 108 -3.71 1.86 -6.84
C LYS A 108 -4.71 1.99 -5.70
N ARG A 109 -5.01 3.23 -5.31
CA ARG A 109 -6.03 3.56 -4.31
C ARG A 109 -7.38 3.74 -4.98
N ILE A 110 -8.45 3.39 -4.26
CA ILE A 110 -9.83 3.69 -4.69
C ILE A 110 -10.64 4.15 -3.49
N THR A 111 -11.46 5.18 -3.67
CA THR A 111 -12.32 5.72 -2.62
C THR A 111 -13.77 5.32 -2.85
N VAL A 112 -14.38 4.75 -1.81
CA VAL A 112 -15.77 4.34 -1.84
C VAL A 112 -16.53 5.24 -0.87
N LYS A 113 -17.59 5.87 -1.38
CA LYS A 113 -18.56 6.61 -0.59
C LYS A 113 -19.88 5.84 -0.59
N VAL A 114 -20.48 5.69 0.59
CA VAL A 114 -21.76 5.00 0.73
C VAL A 114 -22.84 6.05 1.03
N ASN A 115 -23.83 6.12 0.14
CA ASN A 115 -25.08 6.83 0.43
C ASN A 115 -26.01 5.92 1.19
N ALA A 116 -26.59 6.44 2.27
CA ALA A 116 -27.49 5.61 3.08
C ALA A 116 -28.68 6.46 3.53
N PRO A 117 -29.84 5.86 3.65
CA PRO A 117 -30.98 6.57 4.24
C PRO A 117 -30.77 6.78 5.73
N TYR A 118 -31.62 7.64 6.31
CA TYR A 118 -31.42 8.06 7.69
C TYR A 118 -31.47 6.88 8.65
N ALA A 119 -32.41 5.95 8.47
CA ALA A 119 -32.54 4.83 9.39
C ALA A 119 -31.23 4.05 9.48
N ALA A 120 -30.61 3.76 8.34
CA ALA A 120 -29.38 2.97 8.36
C ALA A 120 -28.22 3.78 8.93
N ALA A 121 -28.14 5.07 8.57
CA ALA A 121 -27.10 5.93 9.14
C ALA A 121 -27.24 6.04 10.65
N LEU A 122 -28.47 6.08 11.16
CA LEU A 122 -28.72 6.21 12.60
C LEU A 122 -28.23 4.97 13.36
N GLU A 123 -28.56 3.78 12.86
CA GLU A 123 -28.09 2.55 13.48
C GLU A 123 -26.57 2.50 13.53
N HIS A 124 -25.93 2.72 12.38
CA HIS A 124 -24.46 2.85 12.33
C HIS A 124 -23.97 3.94 13.29
N HIS A 125 -24.69 5.07 13.35
CA HIS A 125 -24.29 6.18 14.22
C HIS A 125 -24.26 5.74 15.69
N HIS A 126 -25.19 4.88 16.08
CA HIS A 126 -25.22 4.42 17.47
C HIS A 126 -24.11 3.42 17.80
N HIS A 127 -23.37 2.91 16.82
CA HIS A 127 -22.35 1.89 17.11
C HIS A 127 -20.90 2.35 16.87
N ALA B 2 6.58 -17.92 4.24
CA ALA B 2 6.15 -16.97 3.21
C ALA B 2 7.09 -15.78 3.18
N PHE B 3 7.02 -15.01 2.08
CA PHE B 3 7.75 -13.76 1.97
C PHE B 3 7.26 -12.77 3.01
N THR B 4 8.05 -12.55 4.06
CA THR B 4 7.69 -11.61 5.11
C THR B 4 8.67 -10.45 5.13
N VAL B 5 8.14 -9.25 5.16
CA VAL B 5 8.96 -8.07 5.43
C VAL B 5 8.89 -7.81 6.92
N THR B 6 10.02 -7.44 7.51
CA THR B 6 10.06 -7.16 8.94
C THR B 6 10.67 -5.80 9.18
N VAL B 7 10.34 -5.23 10.34
CA VAL B 7 10.98 -3.98 10.76
C VAL B 7 11.57 -4.17 12.15
N PRO B 8 12.81 -3.75 12.38
CA PRO B 8 13.35 -3.77 13.74
C PRO B 8 12.63 -2.82 14.67
N LYS B 9 12.13 -1.71 14.14
CA LYS B 9 11.33 -0.76 14.89
C LYS B 9 10.15 -0.37 14.02
N ASP B 10 8.98 -0.28 14.63
CA ASP B 10 7.81 0.25 13.96
C ASP B 10 7.47 1.65 14.44
N LEU B 11 8.36 2.25 15.24
CA LEU B 11 8.19 3.59 15.77
C LEU B 11 9.55 4.27 15.83
N TYR B 12 9.65 5.44 15.19
CA TYR B 12 10.83 6.28 15.28
C TYR B 12 10.42 7.62 15.90
N VAL B 13 11.28 8.14 16.76
CA VAL B 13 11.12 9.48 17.32
C VAL B 13 12.33 10.29 16.89
N VAL B 14 12.08 11.43 16.25
CA VAL B 14 13.19 12.17 15.67
C VAL B 14 13.10 13.63 16.04
N GLU B 15 14.27 14.26 16.13
CA GLU B 15 14.39 15.70 16.34
C GLU B 15 14.24 16.45 15.03
N TYR B 16 13.51 17.56 15.09
CA TYR B 16 13.35 18.44 13.94
C TYR B 16 14.71 18.81 13.37
N GLY B 17 14.81 18.82 12.04
CA GLY B 17 16.05 19.20 11.37
C GLY B 17 17.13 18.14 11.34
N SER B 18 16.97 17.02 12.04
CA SER B 18 17.96 15.97 11.96
C SER B 18 17.63 15.05 10.79
N ASN B 19 18.43 14.00 10.63
CA ASN B 19 18.26 13.04 9.57
C ASN B 19 17.75 11.74 10.17
N MET B 20 16.82 11.10 9.47
CA MET B 20 16.33 9.82 9.92
C MET B 20 16.53 8.78 8.84
N THR B 21 16.82 7.57 9.28
CA THR B 21 17.02 6.42 8.41
C THR B 21 16.08 5.33 8.89
N ILE B 22 15.11 4.99 8.05
CA ILE B 22 14.05 4.04 8.37
C ILE B 22 14.35 2.73 7.65
N GLU B 23 14.20 1.61 8.36
CA GLU B 23 14.70 0.32 7.90
C GLU B 23 13.58 -0.68 7.65
N CYS B 24 13.65 -1.36 6.50
CA CYS B 24 12.82 -2.52 6.21
C CYS B 24 13.69 -3.68 5.75
N LYS B 25 13.48 -4.82 6.37
CA LYS B 25 14.23 -6.04 6.06
C LYS B 25 13.35 -6.95 5.20
N PHE B 26 13.97 -7.62 4.24
CA PHE B 26 13.29 -8.61 3.42
C PHE B 26 14.22 -9.79 3.16
N PRO B 27 13.67 -10.97 2.85
CA PRO B 27 14.49 -12.18 2.70
C PRO B 27 15.16 -12.21 1.34
N VAL B 28 16.50 -12.20 1.34
CA VAL B 28 17.27 -12.42 0.11
C VAL B 28 17.77 -13.85 0.15
N GLU B 29 17.10 -14.73 -0.60
CA GLU B 29 17.41 -16.15 -0.64
C GLU B 29 18.86 -16.43 -1.01
N LYS B 30 19.22 -16.12 -2.26
CA LYS B 30 20.57 -16.39 -2.76
C LYS B 30 20.93 -15.34 -3.80
N GLN B 31 21.81 -14.41 -3.43
CA GLN B 31 22.20 -13.27 -4.27
C GLN B 31 21.00 -12.38 -4.58
N LEU B 32 21.20 -11.07 -4.60
CA LEU B 32 20.11 -10.15 -4.83
C LEU B 32 19.93 -9.91 -6.34
N ASP B 33 18.71 -10.15 -6.82
CA ASP B 33 18.35 -10.00 -8.22
C ASP B 33 17.64 -8.65 -8.39
N LEU B 34 18.43 -7.58 -8.49
CA LEU B 34 17.94 -6.22 -8.68
C LEU B 34 16.87 -6.12 -9.77
N ALA B 35 16.85 -7.12 -10.65
CA ALA B 35 15.88 -7.12 -11.74
C ALA B 35 14.48 -7.45 -11.25
N ALA B 36 14.36 -8.25 -10.19
CA ALA B 36 13.07 -8.66 -9.67
C ALA B 36 12.65 -7.87 -8.44
N LEU B 37 13.43 -6.86 -8.05
CA LEU B 37 13.19 -6.12 -6.81
C LEU B 37 12.40 -4.85 -7.08
N ILE B 38 11.31 -4.68 -6.35
CA ILE B 38 10.53 -3.44 -6.38
C ILE B 38 10.35 -2.94 -4.94
N VAL B 39 10.74 -1.68 -4.70
CA VAL B 39 10.60 -1.08 -3.38
C VAL B 39 9.84 0.22 -3.51
N TYR B 40 8.72 0.34 -2.83
CA TYR B 40 7.99 1.59 -2.67
C TYR B 40 8.09 2.04 -1.23
N TRP B 41 8.53 3.27 -1.02
CA TRP B 41 8.35 3.93 0.26
C TRP B 41 7.22 4.93 0.13
N GLU B 42 6.34 4.94 1.14
CA GLU B 42 5.18 5.82 1.16
C GLU B 42 4.96 6.37 2.56
N MET B 43 4.28 7.51 2.61
CA MET B 43 3.84 8.09 3.86
C MET B 43 2.50 8.78 3.61
N GLU B 44 1.47 8.39 4.38
CA GLU B 44 0.08 8.81 4.17
C GLU B 44 -0.23 8.95 2.69
N ASP B 45 0.04 7.89 1.92
CA ASP B 45 -0.26 7.77 0.49
C ASP B 45 0.44 8.82 -0.37
N LYS B 46 1.42 9.55 0.17
CA LYS B 46 2.36 10.31 -0.66
C LYS B 46 3.56 9.42 -0.99
N ASN B 47 3.89 9.31 -2.28
CA ASN B 47 5.02 8.49 -2.70
C ASN B 47 6.35 9.18 -2.42
N ILE B 48 7.24 8.48 -1.72
CA ILE B 48 8.56 9.02 -1.39
C ILE B 48 9.64 8.50 -2.33
N ILE B 49 9.60 7.21 -2.64
CA ILE B 49 10.63 6.54 -3.42
C ILE B 49 9.96 5.40 -4.19
N GLN B 50 10.35 5.21 -5.43
CA GLN B 50 10.00 4.00 -6.15
C GLN B 50 11.29 3.43 -6.73
N PHE B 51 11.60 2.21 -6.34
CA PHE B 51 12.82 1.54 -6.77
C PHE B 51 12.35 0.35 -7.60
N VAL B 52 12.34 0.52 -8.91
CA VAL B 52 11.73 -0.46 -9.81
C VAL B 52 12.83 -1.07 -10.67
N HIS B 53 13.12 -2.34 -10.43
CA HIS B 53 14.12 -3.13 -11.14
C HIS B 53 15.42 -2.37 -11.37
N GLY B 54 16.26 -2.27 -10.34
CA GLY B 54 17.59 -1.72 -10.49
C GLY B 54 17.72 -0.21 -10.39
N GLU B 55 16.68 0.56 -10.68
CA GLU B 55 16.85 2.02 -10.63
C GLU B 55 15.72 2.68 -9.85
N GLU B 56 15.94 3.97 -9.56
CA GLU B 56 14.99 4.81 -8.83
C GLU B 56 14.08 5.54 -9.82
N ASP B 57 12.77 5.31 -9.70
CA ASP B 57 11.78 6.10 -10.39
C ASP B 57 11.38 7.24 -9.47
N LEU B 58 11.50 8.47 -9.94
CA LEU B 58 11.11 9.57 -9.08
C LEU B 58 10.07 10.49 -9.71
N LYS B 59 9.70 10.27 -10.98
CA LYS B 59 8.68 11.14 -11.55
C LYS B 59 7.34 10.97 -10.86
N THR B 60 7.20 9.97 -10.00
CA THR B 60 6.04 9.84 -9.13
C THR B 60 6.32 10.28 -7.69
N GLN B 61 7.57 10.63 -7.37
CA GLN B 61 7.91 11.11 -6.03
C GLN B 61 7.22 12.45 -5.73
N HIS B 62 6.54 12.52 -4.59
CA HIS B 62 5.89 13.73 -4.08
C HIS B 62 6.86 14.92 -3.97
N SER B 63 6.30 16.14 -3.92
CA SER B 63 7.14 17.33 -3.75
C SER B 63 7.88 17.29 -2.42
N SER B 64 7.16 16.94 -1.35
CA SER B 64 7.59 17.12 0.03
C SER B 64 8.84 16.32 0.37
N TYR B 65 9.33 15.53 -0.59
CA TYR B 65 10.45 14.62 -0.35
C TYR B 65 11.49 14.69 -1.45
N ARG B 66 11.25 15.49 -2.48
CA ARG B 66 12.31 15.72 -3.46
C ARG B 66 13.43 16.48 -2.77
N GLN B 67 14.66 16.16 -3.15
CA GLN B 67 15.89 16.73 -2.59
C GLN B 67 16.15 16.29 -1.16
N ARG B 68 15.37 15.36 -0.59
CA ARG B 68 15.53 14.94 0.81
C ARG B 68 15.49 13.44 1.05
N ALA B 69 14.98 12.65 0.13
CA ALA B 69 14.77 11.23 0.33
C ALA B 69 15.69 10.44 -0.58
N ARG B 70 16.31 9.41 -0.04
CA ARG B 70 16.98 8.47 -0.91
C ARG B 70 16.90 7.08 -0.28
N LEU B 71 16.93 6.08 -1.15
CA LEU B 71 17.09 4.69 -0.78
C LEU B 71 18.58 4.37 -0.70
N LEU B 72 18.99 3.73 0.39
CA LEU B 72 20.40 3.40 0.64
C LEU B 72 20.72 2.09 -0.07
N LYS B 73 21.16 2.21 -1.32
CA LYS B 73 21.12 1.09 -2.26
C LYS B 73 22.09 -0.02 -1.88
N ASP B 74 23.23 0.29 -1.26
CA ASP B 74 24.17 -0.80 -0.96
C ASP B 74 23.68 -1.69 0.18
N GLN B 75 22.77 -1.19 1.01
CA GLN B 75 22.12 -2.04 2.00
C GLN B 75 21.23 -3.10 1.37
N LEU B 76 20.84 -2.93 0.10
CA LEU B 76 19.89 -3.85 -0.51
C LEU B 76 20.42 -5.27 -0.54
N SER B 77 21.72 -5.44 -0.84
CA SER B 77 22.33 -6.76 -0.89
C SER B 77 22.13 -7.54 0.41
N LEU B 78 22.06 -6.85 1.54
CA LEU B 78 21.87 -7.50 2.84
C LEU B 78 20.39 -7.71 3.19
N GLY B 79 19.48 -7.49 2.24
CA GLY B 79 18.07 -7.53 2.55
C GLY B 79 17.54 -6.33 3.31
N ASN B 80 18.17 -5.16 3.17
CA ASN B 80 17.80 -3.99 3.95
C ASN B 80 17.34 -2.87 3.01
N ALA B 81 16.04 -2.55 3.06
CA ALA B 81 15.49 -1.39 2.35
C ALA B 81 15.51 -0.24 3.34
N ALA B 82 16.56 0.56 3.29
CA ALA B 82 16.78 1.65 4.23
C ALA B 82 16.42 2.96 3.54
N LEU B 83 15.38 3.63 4.04
CA LEU B 83 14.98 4.94 3.57
C LEU B 83 15.60 6.01 4.47
N GLN B 84 16.31 6.95 3.87
CA GLN B 84 16.94 8.03 4.59
C GLN B 84 16.25 9.33 4.19
N ILE B 85 15.75 10.05 5.20
CA ILE B 85 15.20 11.40 5.01
C ILE B 85 16.15 12.36 5.70
N THR B 86 16.58 13.37 4.96
CA THR B 86 17.44 14.41 5.50
C THR B 86 16.56 15.60 5.85
N ASP B 87 17.00 16.40 6.81
CA ASP B 87 16.34 17.66 7.12
C ASP B 87 14.88 17.43 7.55
N VAL B 88 14.73 16.62 8.61
CA VAL B 88 13.40 16.15 9.00
C VAL B 88 12.58 17.32 9.52
N LYS B 89 11.34 17.39 9.06
CA LYS B 89 10.40 18.46 9.41
C LYS B 89 9.16 17.87 10.07
N LEU B 90 8.43 18.72 10.79
CA LEU B 90 7.24 18.25 11.50
C LEU B 90 6.29 17.50 10.60
N GLN B 91 6.16 17.92 9.33
CA GLN B 91 5.23 17.23 8.44
C GLN B 91 5.72 15.85 8.03
N ASP B 92 6.96 15.48 8.36
CA ASP B 92 7.37 14.10 8.13
C ASP B 92 6.75 13.13 9.14
N ALA B 93 6.06 13.65 10.15
CA ALA B 93 5.35 12.79 11.09
C ALA B 93 4.15 12.14 10.42
N GLY B 94 3.91 10.88 10.78
CA GLY B 94 2.84 10.12 10.18
C GLY B 94 3.24 8.66 10.08
N VAL B 95 2.42 7.92 9.34
CA VAL B 95 2.58 6.48 9.20
C VAL B 95 3.22 6.20 7.84
N TYR B 96 4.39 5.57 7.86
CA TYR B 96 5.10 5.18 6.64
C TYR B 96 4.82 3.72 6.29
N ARG B 97 5.05 3.41 5.03
CA ARG B 97 4.87 2.07 4.51
C ARG B 97 6.03 1.78 3.57
N CYS B 98 6.74 0.69 3.81
CA CYS B 98 7.67 0.11 2.84
C CYS B 98 6.99 -1.12 2.23
N MET B 99 6.83 -1.10 0.92
CA MET B 99 6.20 -2.18 0.20
C MET B 99 7.28 -2.82 -0.66
N ILE B 100 7.41 -4.15 -0.59
CA ILE B 100 8.53 -4.82 -1.24
C ILE B 100 8.02 -6.01 -2.04
N SER B 101 8.42 -6.03 -3.29
CA SER B 101 8.16 -7.17 -4.17
C SER B 101 9.50 -7.83 -4.54
N TYR B 102 9.69 -9.08 -4.14
CA TYR B 102 10.90 -9.85 -4.47
C TYR B 102 10.54 -11.33 -4.50
N GLY B 103 9.83 -11.73 -5.55
CA GLY B 103 9.29 -13.09 -5.71
C GLY B 103 8.41 -13.46 -4.53
N GLY B 104 7.60 -12.52 -4.10
CA GLY B 104 6.75 -12.48 -2.90
C GLY B 104 6.50 -11.03 -2.60
N ALA B 105 5.44 -10.71 -1.90
CA ALA B 105 5.18 -9.28 -1.68
C ALA B 105 4.61 -9.04 -0.30
N ASP B 106 5.15 -8.05 0.36
CA ASP B 106 4.68 -7.73 1.71
C ASP B 106 5.03 -6.29 1.98
N TYR B 107 4.24 -5.69 2.82
CA TYR B 107 4.58 -4.36 3.31
C TYR B 107 4.48 -4.35 4.83
N LYS B 108 5.14 -3.37 5.45
CA LYS B 108 5.00 -3.08 6.87
C LYS B 108 4.79 -1.58 7.07
N ARG B 109 4.15 -1.25 8.19
CA ARG B 109 3.91 0.13 8.58
C ARG B 109 4.91 0.57 9.65
N ILE B 110 5.29 1.85 9.61
CA ILE B 110 6.19 2.45 10.58
C ILE B 110 5.67 3.84 10.93
N THR B 111 5.44 4.09 12.22
CA THR B 111 5.03 5.40 12.71
C THR B 111 6.26 6.23 13.05
N VAL B 112 6.24 7.50 12.64
CA VAL B 112 7.29 8.47 12.93
C VAL B 112 6.68 9.61 13.74
N LYS B 113 7.31 9.95 14.86
CA LYS B 113 6.98 11.15 15.62
C LYS B 113 8.17 12.12 15.55
N VAL B 114 7.87 13.41 15.42
CA VAL B 114 8.91 14.43 15.31
C VAL B 114 8.83 15.38 16.50
N ASN B 115 9.85 15.37 17.35
CA ASN B 115 10.03 16.39 18.38
C ASN B 115 10.51 17.69 17.75
N ALA B 116 10.07 18.82 18.28
CA ALA B 116 10.43 20.10 17.67
C ALA B 116 10.42 21.21 18.70
N PRO B 117 11.28 22.22 18.53
CA PRO B 117 11.25 23.38 19.44
C PRO B 117 10.08 24.29 19.10
N TYR B 118 9.72 25.10 20.09
CA TYR B 118 8.52 25.93 19.98
C TYR B 118 8.46 26.65 18.64
N ALA B 119 9.57 27.30 18.25
CA ALA B 119 9.58 28.14 17.05
C ALA B 119 9.24 27.33 15.80
N ALA B 120 9.95 26.21 15.59
CA ALA B 120 9.64 25.33 14.47
C ALA B 120 8.18 24.91 14.49
N ALA B 121 7.67 24.56 15.68
CA ALA B 121 6.27 24.13 15.79
C ALA B 121 5.33 25.27 15.42
N LEU B 122 5.66 26.50 15.87
CA LEU B 122 4.81 27.66 15.57
C LEU B 122 4.72 27.93 14.08
N GLU B 123 5.86 27.97 13.40
CA GLU B 123 5.86 28.23 11.96
C GLU B 123 5.08 27.16 11.21
N HIS B 124 5.20 25.91 11.67
CA HIS B 124 4.45 24.82 11.04
C HIS B 124 2.96 24.89 11.39
N HIS B 125 2.66 25.21 12.65
CA HIS B 125 1.27 25.36 13.07
C HIS B 125 0.57 26.50 12.31
N HIS B 126 1.19 27.68 12.27
CA HIS B 126 0.60 28.79 11.52
C HIS B 126 0.74 28.60 10.01
N HIS B 127 1.87 28.07 9.56
CA HIS B 127 2.13 27.89 8.14
C HIS B 127 2.22 29.26 7.45
#